data_3CYU
#
_entry.id   3CYU
#
_cell.length_a   67.441
_cell.length_b   49.985
_cell.length_c   81.038
_cell.angle_alpha   90.00
_cell.angle_beta   107.13
_cell.angle_gamma   90.00
#
_symmetry.space_group_name_H-M   'C 1 2 1'
#
loop_
_entity.id
_entity.type
_entity.pdbx_description
1 polymer 'Carbonic anhydrase 2'
2 non-polymer 'ZINC ION'
3 non-polymer 'MoMo-2-[4-(2-(4-(methoxy)-1H-1,2,3-triazol-1-yl)ethyl)benzenesulfonamide]-7,12-bis-[3-(4-(methoxy)-1H-1,2,3-triazol-1-y l)propanoic acid]-cryptophane-A'
4 non-polymer 'PoPo-2-[4-(2-(4-(methoxy)-1H-1,2,3-triazol-1-yl)ethyl)benzenesulfonamide]-7,12-bis-[3-(4-(methoxy)-1H-1,2,3-triazol-1-yl)propanoic acid]-cryptophane-A'
5 non-polymer XENON
6 water water
#
_entity_poly.entity_id   1
_entity_poly.type   'polypeptide(L)'
_entity_poly.pdbx_seq_one_letter_code
;MSHHWGYGKHNGPEHWHKDFPIAKGERQSPVDIDTHTAKYDPSLKPLSVSYDQATSLRILNNGHAFNVEFDDSQDKAVLK
GGPLDGTYRLIQFHFHWGSLDGQGSEHTVDKKKYAAELHLVHWNTKYGDFGKAVQQPDGLAVLGIFLKVGSAKPGLQKVV
DVLDSIKTKGKSADFTNFDPRGLLPESLDYWTYPGSLTTPPLLECVTWIVLKEPISVSSEQVLKFRKLNFNGEGEPEELM
VDNWRPAQPLKNRQIKASFK
;
_entity_poly.pdbx_strand_id   A
#
loop_
_chem_comp.id
_chem_comp.type
_chem_comp.name
_chem_comp.formula
0CR non-polymer 'MoMo-2-[4-(2-(4-(methoxy)-1H-1,2,3-triazol-1-yl)ethyl)benzenesulfonamide]-7,12-bis-[3-(4-(methoxy)-1H-1,2,3-triazol-1-y l)propanoic acid]-cryptophane-A' 'C74 H74 N10 O18 S'
1CR non-polymer 'PoPo-2-[4-(2-(4-(methoxy)-1H-1,2,3-triazol-1-yl)ethyl)benzenesulfonamide]-7,12-bis-[3-(4-(methoxy)-1H-1,2,3-triazol-1-yl)propanoic acid]-cryptophane-A' 'C74 H74 N10 O18 S'
XE non-polymer XENON Xe
ZN non-polymer 'ZINC ION' 'Zn 2'
#
# COMPACT_ATOMS: atom_id res chain seq x y z
N HIS A 4 -2.43 -13.97 -15.01
CA HIS A 4 -3.59 -14.57 -14.28
C HIS A 4 -4.64 -13.51 -13.96
N TRP A 5 -4.59 -13.02 -12.73
CA TRP A 5 -5.53 -12.02 -12.23
C TRP A 5 -5.24 -10.60 -12.70
N GLY A 6 -6.19 -9.71 -12.45
CA GLY A 6 -6.07 -8.31 -12.81
C GLY A 6 -7.17 -7.51 -12.17
N TYR A 7 -7.55 -6.38 -12.77
CA TYR A 7 -8.62 -5.54 -12.25
C TYR A 7 -9.72 -5.33 -13.28
N GLY A 8 -9.73 -6.18 -14.32
CA GLY A 8 -10.75 -6.08 -15.36
C GLY A 8 -12.01 -6.83 -14.98
N LYS A 9 -13.04 -6.72 -15.80
CA LYS A 9 -14.31 -7.38 -15.53
C LYS A 9 -14.21 -8.90 -15.57
N HIS A 10 -13.23 -9.42 -16.30
CA HIS A 10 -13.06 -10.86 -16.44
C HIS A 10 -11.96 -11.48 -15.57
N ASN A 11 -11.18 -10.64 -14.89
CA ASN A 11 -10.13 -11.16 -14.03
C ASN A 11 -9.96 -10.32 -12.76
N GLY A 12 -10.93 -9.45 -12.50
CA GLY A 12 -10.87 -8.58 -11.33
C GLY A 12 -11.21 -9.19 -9.98
N PRO A 13 -11.25 -8.35 -8.92
CA PRO A 13 -11.55 -8.78 -7.55
C PRO A 13 -12.66 -9.81 -7.36
N GLU A 14 -13.71 -9.74 -8.17
CA GLU A 14 -14.81 -10.69 -8.05
C GLU A 14 -14.46 -12.10 -8.52
N HIS A 15 -13.33 -12.24 -9.22
CA HIS A 15 -12.88 -13.53 -9.74
C HIS A 15 -11.72 -14.17 -8.96
N TRP A 16 -11.00 -13.36 -8.20
CA TRP A 16 -9.84 -13.84 -7.44
C TRP A 16 -10.05 -15.08 -6.56
N HIS A 17 -11.22 -15.19 -5.94
CA HIS A 17 -11.48 -16.32 -5.05
C HIS A 17 -11.33 -17.69 -5.72
N LYS A 18 -11.55 -17.77 -7.03
CA LYS A 18 -11.42 -19.05 -7.72
C LYS A 18 -10.00 -19.63 -7.65
N ASP A 19 -9.00 -18.79 -7.85
CA ASP A 19 -7.61 -19.21 -7.79
C ASP A 19 -7.05 -19.02 -6.38
N PHE A 20 -7.66 -18.10 -5.64
CA PHE A 20 -7.23 -17.77 -4.28
C PHE A 20 -8.43 -17.76 -3.35
N PRO A 21 -8.89 -18.96 -2.93
CA PRO A 21 -10.04 -19.11 -2.03
C PRO A 21 -10.04 -18.26 -0.77
N ILE A 22 -8.86 -17.90 -0.28
CA ILE A 22 -8.77 -17.07 0.92
C ILE A 22 -9.35 -15.68 0.69
N ALA A 23 -9.68 -15.37 -0.57
CA ALA A 23 -10.26 -14.08 -0.93
C ALA A 23 -11.55 -13.86 -0.15
N LYS A 24 -12.18 -14.96 0.27
CA LYS A 24 -13.42 -14.90 1.04
C LYS A 24 -13.11 -15.24 2.49
N GLY A 25 -11.86 -14.99 2.88
CA GLY A 25 -11.40 -15.29 4.22
C GLY A 25 -11.97 -14.46 5.35
N GLU A 26 -11.49 -14.74 6.56
CA GLU A 26 -11.96 -14.05 7.76
C GLU A 26 -11.21 -12.77 8.11
N ARG A 27 -10.10 -12.50 7.42
CA ARG A 27 -9.33 -11.30 7.70
C ARG A 27 -8.82 -10.66 6.41
N GLN A 28 -9.75 -10.36 5.50
CA GLN A 28 -9.39 -9.77 4.23
C GLN A 28 -9.32 -8.24 4.28
N SER A 29 -8.52 -7.69 3.37
CA SER A 29 -8.33 -6.25 3.28
C SER A 29 -8.51 -5.84 1.83
N PRO A 30 -8.83 -4.55 1.57
CA PRO A 30 -9.00 -3.49 2.58
C PRO A 30 -10.37 -3.59 3.25
N VAL A 31 -10.65 -2.62 4.11
CA VAL A 31 -11.91 -2.54 4.83
C VAL A 31 -12.29 -1.07 5.00
N ASP A 32 -13.57 -0.83 5.27
CA ASP A 32 -14.02 0.52 5.50
C ASP A 32 -13.77 0.84 6.97
N ILE A 33 -13.29 2.04 7.26
CA ILE A 33 -13.03 2.44 8.62
C ILE A 33 -14.15 3.35 9.13
N ASP A 34 -14.95 2.82 10.03
CA ASP A 34 -16.05 3.57 10.62
C ASP A 34 -15.50 4.27 11.85
N THR A 35 -15.25 5.57 11.73
CA THR A 35 -14.69 6.35 12.81
C THR A 35 -15.55 6.36 14.07
N HIS A 36 -16.81 6.02 13.92
CA HIS A 36 -17.70 5.99 15.07
C HIS A 36 -17.49 4.69 15.86
N THR A 37 -17.07 3.64 15.17
CA THR A 37 -16.86 2.36 15.81
C THR A 37 -15.39 2.02 16.09
N ALA A 38 -14.48 2.68 15.38
CA ALA A 38 -13.04 2.44 15.56
C ALA A 38 -12.60 3.31 16.74
N LYS A 39 -12.58 2.71 17.93
CA LYS A 39 -12.23 3.48 19.11
C LYS A 39 -10.78 3.57 19.51
N TYR A 40 -10.50 4.65 20.23
CA TYR A 40 -9.19 4.95 20.76
C TYR A 40 -8.78 3.85 21.73
N ASP A 41 -7.54 3.39 21.58
CA ASP A 41 -6.99 2.36 22.45
C ASP A 41 -5.79 2.98 23.16
N PRO A 42 -5.96 3.29 24.46
CA PRO A 42 -4.88 3.89 25.25
C PRO A 42 -3.65 3.02 25.47
N SER A 43 -3.74 1.74 25.09
CA SER A 43 -2.62 0.83 25.28
C SER A 43 -1.68 0.77 24.08
N LEU A 44 -2.08 1.36 22.96
CA LEU A 44 -1.23 1.37 21.77
C LEU A 44 0.00 2.25 22.01
N LYS A 45 1.18 1.69 21.74
CA LYS A 45 2.44 2.42 21.92
C LYS A 45 2.70 3.36 20.75
N PRO A 46 3.56 4.36 20.94
CA PRO A 46 3.86 5.29 19.86
C PRO A 46 4.39 4.56 18.63
N LEU A 47 3.96 4.97 17.44
CA LEU A 47 4.42 4.37 16.21
C LEU A 47 5.80 4.94 15.91
N SER A 48 6.72 4.09 15.47
CA SER A 48 8.07 4.52 15.15
C SER A 48 8.41 4.21 13.70
N VAL A 49 8.61 5.25 12.91
CA VAL A 49 8.96 5.08 11.50
C VAL A 49 10.39 5.60 11.30
N SER A 50 11.34 4.70 11.08
CA SER A 50 12.74 5.08 10.89
C SER A 50 13.21 4.76 9.48
N TYR A 51 13.16 5.74 8.59
CA TYR A 51 13.56 5.55 7.19
C TYR A 51 14.85 6.27 6.83
N ASP A 52 15.58 6.74 7.84
CA ASP A 52 16.83 7.46 7.59
C ASP A 52 17.82 6.74 6.67
N GLN A 53 18.04 5.45 6.91
CA GLN A 53 18.98 4.68 6.11
C GLN A 53 18.36 3.88 4.96
N ALA A 54 17.19 4.30 4.50
CA ALA A 54 16.52 3.60 3.40
C ALA A 54 17.40 3.55 2.16
N THR A 55 17.44 2.38 1.53
CA THR A 55 18.25 2.20 0.33
C THR A 55 17.41 1.64 -0.81
N SER A 56 16.89 2.51 -1.67
CA SER A 56 16.07 2.06 -2.78
C SER A 56 16.98 1.43 -3.83
N LEU A 57 16.45 0.45 -4.55
CA LEU A 57 17.20 -0.25 -5.60
C LEU A 57 16.64 0.02 -6.98
N ARG A 58 15.34 -0.17 -7.14
CA ARG A 58 14.73 0.01 -8.46
C ARG A 58 13.23 0.27 -8.39
N ILE A 59 12.68 0.55 -9.56
CA ILE A 59 11.26 0.79 -9.71
C ILE A 59 10.83 -0.03 -10.93
N LEU A 60 9.71 -0.72 -10.83
CA LEU A 60 9.27 -1.54 -11.95
C LEU A 60 7.75 -1.60 -12.10
N ASN A 61 7.32 -1.96 -13.30
CA ASN A 61 5.91 -2.07 -13.64
C ASN A 61 5.65 -3.58 -13.69
N ASN A 62 4.88 -4.09 -12.74
CA ASN A 62 4.60 -5.53 -12.72
C ASN A 62 3.28 -5.88 -13.38
N GLY A 63 2.69 -4.90 -14.07
CA GLY A 63 1.43 -5.14 -14.75
C GLY A 63 0.21 -4.92 -13.87
N HIS A 64 0.43 -4.66 -12.59
CA HIS A 64 -0.66 -4.42 -11.66
C HIS A 64 -0.53 -3.01 -11.08
N ALA A 65 0.71 -2.56 -10.94
CA ALA A 65 1.03 -1.23 -10.41
C ALA A 65 2.54 -1.09 -10.56
N PHE A 66 3.14 -0.10 -9.91
CA PHE A 66 4.59 0.01 -9.98
C PHE A 66 5.14 -0.10 -8.57
N ASN A 67 6.23 -0.84 -8.43
CA ASN A 67 6.87 -1.04 -7.13
C ASN A 67 8.24 -0.39 -7.07
N VAL A 68 8.54 0.23 -5.92
CA VAL A 68 9.86 0.80 -5.71
C VAL A 68 10.45 -0.17 -4.68
N GLU A 69 11.45 -0.95 -5.11
CA GLU A 69 12.08 -1.94 -4.24
C GLU A 69 13.23 -1.37 -3.42
N PHE A 70 13.41 -1.92 -2.21
CA PHE A 70 14.48 -1.48 -1.32
C PHE A 70 15.37 -2.65 -0.91
N ASP A 71 16.59 -2.32 -0.52
CA ASP A 71 17.54 -3.32 -0.06
C ASP A 71 17.19 -3.57 1.40
N ASP A 72 16.64 -4.75 1.70
CA ASP A 72 16.25 -5.08 3.07
C ASP A 72 17.22 -6.03 3.76
N SER A 73 18.51 -5.90 3.47
CA SER A 73 19.52 -6.75 4.08
C SER A 73 19.83 -6.38 5.52
N GLN A 74 19.52 -5.14 5.90
CA GLN A 74 19.77 -4.67 7.26
C GLN A 74 18.61 -3.82 7.79
N ASP A 75 18.67 -3.47 9.07
CA ASP A 75 17.63 -2.67 9.70
C ASP A 75 17.88 -1.19 9.42
N LYS A 76 18.04 -0.85 8.14
CA LYS A 76 18.29 0.52 7.72
C LYS A 76 17.02 1.34 7.49
N ALA A 77 15.88 0.66 7.45
CA ALA A 77 14.58 1.30 7.26
C ALA A 77 13.57 0.37 7.89
N VAL A 78 13.13 0.71 9.11
CA VAL A 78 12.20 -0.16 9.80
C VAL A 78 11.02 0.54 10.45
N LEU A 79 10.00 -0.26 10.72
CA LEU A 79 8.79 0.19 11.37
C LEU A 79 8.65 -0.61 12.66
N LYS A 80 8.35 0.07 13.76
CA LYS A 80 8.16 -0.60 15.03
C LYS A 80 7.22 0.21 15.93
N GLY A 81 6.93 -0.30 17.12
CA GLY A 81 6.04 0.40 18.01
C GLY A 81 4.60 0.23 17.56
N GLY A 82 3.74 1.17 17.94
CA GLY A 82 2.34 1.06 17.56
C GLY A 82 1.83 -0.29 18.03
N PRO A 83 1.08 -1.02 17.19
CA PRO A 83 0.54 -2.32 17.59
C PRO A 83 1.53 -3.46 17.38
N LEU A 84 2.68 -3.14 16.78
CA LEU A 84 3.69 -4.13 16.46
C LEU A 84 4.53 -4.72 17.59
N ASP A 85 4.76 -6.03 17.50
CA ASP A 85 5.60 -6.74 18.46
C ASP A 85 6.84 -7.06 17.64
N GLY A 86 7.93 -6.35 17.89
CA GLY A 86 9.16 -6.59 17.15
C GLY A 86 9.49 -5.51 16.13
N THR A 87 10.40 -5.83 15.22
CA THR A 87 10.85 -4.89 14.19
C THR A 87 10.53 -5.38 12.77
N TYR A 88 10.05 -4.46 11.94
CA TYR A 88 9.70 -4.79 10.56
C TYR A 88 10.50 -3.97 9.54
N ARG A 89 11.14 -4.66 8.60
CA ARG A 89 11.95 -4.01 7.57
C ARG A 89 11.18 -3.65 6.31
N LEU A 90 11.44 -2.44 5.81
CA LEU A 90 10.81 -1.96 4.59
C LEU A 90 11.40 -2.68 3.39
N ILE A 91 10.54 -3.28 2.56
CA ILE A 91 11.02 -3.98 1.37
C ILE A 91 10.55 -3.31 0.08
N GLN A 92 9.40 -2.63 0.13
CA GLN A 92 8.91 -1.95 -1.06
C GLN A 92 7.67 -1.11 -0.79
N PHE A 93 7.35 -0.24 -1.75
CA PHE A 93 6.14 0.56 -1.66
C PHE A 93 5.54 0.68 -3.05
N HIS A 94 4.23 0.83 -3.10
CA HIS A 94 3.51 0.96 -4.35
C HIS A 94 2.22 1.70 -4.04
N PHE A 95 1.48 2.07 -5.09
CA PHE A 95 0.23 2.81 -4.93
C PHE A 95 -0.94 2.10 -5.62
N HIS A 96 -2.14 2.55 -5.29
CA HIS A 96 -3.40 2.09 -5.88
C HIS A 96 -4.07 3.42 -6.18
N TRP A 97 -4.61 3.58 -7.38
CA TRP A 97 -5.25 4.83 -7.75
C TRP A 97 -6.39 4.64 -8.74
N GLY A 98 -7.22 5.66 -8.89
CA GLY A 98 -8.35 5.54 -9.79
C GLY A 98 -8.26 6.25 -11.13
N SER A 99 -9.34 6.15 -11.90
CA SER A 99 -9.43 6.77 -13.22
C SER A 99 -9.98 8.17 -13.05
N LEU A 100 -10.52 8.45 -11.86
CA LEU A 100 -11.09 9.74 -11.51
C LEU A 100 -10.73 10.04 -10.05
N ASP A 101 -10.70 11.32 -9.69
CA ASP A 101 -10.35 11.75 -8.33
C ASP A 101 -11.26 11.18 -7.24
N GLY A 102 -12.51 10.92 -7.59
CA GLY A 102 -13.46 10.40 -6.61
C GLY A 102 -13.26 8.98 -6.13
N GLN A 103 -12.29 8.26 -6.69
CA GLN A 103 -12.03 6.89 -6.29
C GLN A 103 -10.56 6.58 -6.45
N GLY A 104 -10.11 5.47 -5.86
CA GLY A 104 -8.71 5.10 -5.99
C GLY A 104 -8.12 4.39 -4.79
N SER A 105 -8.51 4.80 -3.59
CA SER A 105 -7.98 4.17 -2.38
C SER A 105 -8.63 2.82 -2.17
N GLU A 106 -7.98 1.97 -1.39
CA GLU A 106 -8.50 0.65 -1.09
C GLU A 106 -9.26 0.76 0.22
N HIS A 107 -8.64 1.33 1.23
CA HIS A 107 -9.35 1.53 2.49
C HIS A 107 -10.20 2.77 2.28
N THR A 108 -11.26 2.90 3.07
CA THR A 108 -12.13 4.06 3.00
C THR A 108 -12.42 4.50 4.44
N VAL A 109 -12.75 5.77 4.60
CA VAL A 109 -13.07 6.31 5.93
C VAL A 109 -14.51 6.78 5.90
N ASP A 110 -15.35 6.14 6.70
CA ASP A 110 -16.77 6.45 6.73
C ASP A 110 -17.29 6.45 5.29
N LYS A 111 -16.85 5.44 4.55
CA LYS A 111 -17.23 5.22 3.16
C LYS A 111 -16.58 6.16 2.13
N LYS A 112 -15.88 7.18 2.60
CA LYS A 112 -15.22 8.11 1.69
C LYS A 112 -14.02 7.46 1.02
N LYS A 113 -13.92 7.64 -0.29
CA LYS A 113 -12.81 7.09 -1.07
C LYS A 113 -11.85 8.22 -1.39
N TYR A 114 -10.54 7.97 -1.30
CA TYR A 114 -9.56 8.99 -1.66
C TYR A 114 -9.06 8.75 -3.08
N ALA A 115 -8.41 9.75 -3.66
CA ALA A 115 -7.89 9.65 -5.02
C ALA A 115 -6.92 8.49 -5.20
N ALA A 116 -6.22 8.12 -4.13
CA ALA A 116 -5.26 7.02 -4.21
C ALA A 116 -4.78 6.60 -2.83
N GLU A 117 -3.96 5.55 -2.78
CA GLU A 117 -3.45 5.07 -1.51
C GLU A 117 -2.06 4.46 -1.66
N LEU A 118 -1.17 4.85 -0.78
CA LEU A 118 0.21 4.38 -0.78
C LEU A 118 0.38 3.28 0.26
N HIS A 119 1.08 2.22 -0.11
CA HIS A 119 1.32 1.10 0.79
C HIS A 119 2.82 0.85 0.93
N LEU A 120 3.32 1.03 2.14
CA LEU A 120 4.73 0.78 2.44
C LEU A 120 4.72 -0.57 3.14
N VAL A 121 5.33 -1.56 2.49
CA VAL A 121 5.36 -2.94 2.97
C VAL A 121 6.61 -3.31 3.76
N HIS A 122 6.41 -3.88 4.95
CA HIS A 122 7.51 -4.29 5.83
C HIS A 122 7.30 -5.71 6.32
N TRP A 123 8.39 -6.44 6.57
CA TRP A 123 8.29 -7.80 7.07
C TRP A 123 8.98 -8.00 8.42
N ASN A 124 8.39 -8.87 9.25
CA ASN A 124 8.88 -9.18 10.59
C ASN A 124 10.25 -9.86 10.54
N THR A 125 11.28 -9.19 11.07
CA THR A 125 12.63 -9.73 11.06
C THR A 125 12.81 -11.04 11.81
N LYS A 126 11.87 -11.37 12.68
CA LYS A 126 11.98 -12.62 13.43
C LYS A 126 11.91 -13.82 12.50
N TYR A 127 11.44 -13.61 11.27
CA TYR A 127 11.30 -14.70 10.31
C TYR A 127 12.41 -14.88 9.28
N GLY A 128 13.48 -14.09 9.39
CA GLY A 128 14.58 -14.25 8.46
C GLY A 128 14.49 -13.55 7.11
N ASP A 129 13.34 -13.67 6.44
CA ASP A 129 13.17 -13.01 5.15
C ASP A 129 11.70 -12.87 4.78
N PHE A 130 11.44 -12.07 3.75
CA PHE A 130 10.08 -11.82 3.31
C PHE A 130 9.30 -13.09 2.99
N GLY A 131 9.89 -13.98 2.20
CA GLY A 131 9.21 -15.22 1.85
C GLY A 131 8.69 -15.97 3.06
N LYS A 132 9.53 -16.06 4.10
CA LYS A 132 9.15 -16.77 5.31
C LYS A 132 8.06 -16.03 6.09
N ALA A 133 8.19 -14.72 6.19
CA ALA A 133 7.24 -13.90 6.93
C ALA A 133 5.81 -13.91 6.38
N VAL A 134 5.68 -13.87 5.06
CA VAL A 134 4.35 -13.82 4.45
C VAL A 134 3.45 -15.02 4.78
N GLN A 135 4.03 -16.07 5.33
CA GLN A 135 3.24 -17.25 5.68
C GLN A 135 2.94 -17.35 7.15
N GLN A 136 3.03 -16.17 7.80
CA GLN A 136 2.77 -15.95 9.22
C GLN A 136 1.69 -14.88 9.43
N PRO A 137 0.83 -15.06 10.45
CA PRO A 137 -0.23 -14.08 10.73
C PRO A 137 0.32 -12.71 11.13
N ASP A 138 1.54 -12.69 11.64
CA ASP A 138 2.18 -11.47 12.07
C ASP A 138 3.46 -11.24 11.29
N GLY A 139 3.48 -11.71 10.05
CA GLY A 139 4.66 -11.58 9.22
C GLY A 139 4.89 -10.22 8.58
N LEU A 140 3.81 -9.50 8.26
CA LEU A 140 3.94 -8.20 7.61
C LEU A 140 3.26 -7.05 8.33
N ALA A 141 3.73 -5.85 8.04
CA ALA A 141 3.14 -4.64 8.59
C ALA A 141 3.11 -3.70 7.40
N VAL A 142 1.93 -3.27 7.01
CA VAL A 142 1.82 -2.35 5.89
C VAL A 142 1.31 -1.02 6.40
N LEU A 143 2.04 0.04 6.08
CA LEU A 143 1.66 1.38 6.46
C LEU A 143 0.88 1.94 5.27
N GLY A 144 -0.38 2.29 5.49
CA GLY A 144 -1.19 2.82 4.42
C GLY A 144 -1.38 4.32 4.55
N ILE A 145 -1.22 5.03 3.46
CA ILE A 145 -1.35 6.48 3.47
C ILE A 145 -2.25 6.95 2.32
N PHE A 146 -3.28 7.71 2.67
CA PHE A 146 -4.22 8.23 1.67
C PHE A 146 -3.65 9.42 0.92
N LEU A 147 -4.05 9.55 -0.33
CA LEU A 147 -3.64 10.66 -1.18
C LEU A 147 -4.88 11.43 -1.67
N LYS A 148 -4.88 12.74 -1.49
CA LYS A 148 -5.96 13.58 -1.98
C LYS A 148 -5.28 14.56 -2.94
N VAL A 149 -6.05 15.13 -3.86
CA VAL A 149 -5.49 16.06 -4.84
C VAL A 149 -5.53 17.51 -4.35
N GLY A 150 -4.37 18.18 -4.43
CA GLY A 150 -4.28 19.57 -4.00
C GLY A 150 -2.89 20.06 -4.30
N SER A 151 -2.13 20.44 -3.27
CA SER A 151 -0.77 20.90 -3.48
C SER A 151 0.12 19.73 -3.89
N ALA A 152 1.21 20.03 -4.59
CA ALA A 152 2.12 18.99 -5.04
C ALA A 152 2.93 18.46 -3.87
N LYS A 153 3.31 17.19 -3.96
CA LYS A 153 4.10 16.56 -2.91
C LYS A 153 5.52 16.51 -3.49
N PRO A 154 6.43 17.33 -2.97
CA PRO A 154 7.81 17.35 -3.47
C PRO A 154 8.51 16.00 -3.44
N GLY A 155 8.30 15.25 -2.36
CA GLY A 155 8.93 13.95 -2.21
C GLY A 155 8.47 12.89 -3.20
N LEU A 156 7.41 13.17 -3.94
CA LEU A 156 6.90 12.22 -4.91
C LEU A 156 7.42 12.49 -6.32
N GLN A 157 7.93 13.69 -6.56
CA GLN A 157 8.39 14.06 -7.89
C GLN A 157 9.45 13.14 -8.52
N LYS A 158 10.40 12.67 -7.71
CA LYS A 158 11.44 11.78 -8.22
C LYS A 158 10.81 10.54 -8.84
N VAL A 159 9.74 10.07 -8.23
CA VAL A 159 9.04 8.89 -8.74
C VAL A 159 8.35 9.28 -10.05
N VAL A 160 7.54 10.33 -10.01
CA VAL A 160 6.83 10.81 -11.18
C VAL A 160 7.73 11.00 -12.38
N ASP A 161 8.88 11.63 -12.15
CA ASP A 161 9.82 11.91 -13.23
C ASP A 161 10.40 10.69 -13.95
N VAL A 162 10.20 9.49 -13.40
CA VAL A 162 10.73 8.30 -14.07
C VAL A 162 9.67 7.32 -14.57
N LEU A 163 8.40 7.62 -14.32
CA LEU A 163 7.33 6.74 -14.76
C LEU A 163 7.31 6.54 -16.27
N ASP A 164 7.85 7.50 -17.00
CA ASP A 164 7.90 7.39 -18.45
C ASP A 164 8.82 6.28 -18.91
N SER A 165 9.72 5.84 -18.03
CA SER A 165 10.66 4.77 -18.39
C SER A 165 10.14 3.37 -18.08
N ILE A 166 9.00 3.29 -17.40
CA ILE A 166 8.42 1.99 -17.07
C ILE A 166 6.93 2.00 -17.39
N LYS A 167 6.59 2.55 -18.55
CA LYS A 167 5.22 2.66 -18.99
C LYS A 167 4.48 1.33 -19.12
N THR A 168 5.16 0.31 -19.66
CA THR A 168 4.52 -0.98 -19.86
C THR A 168 4.96 -2.08 -18.90
N LYS A 169 4.09 -3.07 -18.75
CA LYS A 169 4.34 -4.20 -17.87
C LYS A 169 5.66 -4.89 -18.19
N GLY A 170 6.45 -5.15 -17.14
CA GLY A 170 7.72 -5.81 -17.33
C GLY A 170 8.93 -4.88 -17.40
N LYS A 171 8.69 -3.58 -17.51
CA LYS A 171 9.81 -2.65 -17.57
C LYS A 171 10.23 -2.26 -16.15
N SER A 172 11.52 -1.98 -15.99
CA SER A 172 12.07 -1.58 -14.71
C SER A 172 13.27 -0.67 -14.97
N ALA A 173 13.69 0.04 -13.93
CA ALA A 173 14.83 0.94 -14.04
C ALA A 173 15.49 1.09 -12.68
N ASP A 174 16.80 1.29 -12.67
CA ASP A 174 17.49 1.50 -11.42
C ASP A 174 16.86 2.74 -10.80
N PHE A 175 16.69 2.73 -9.49
CA PHE A 175 16.07 3.86 -8.79
C PHE A 175 16.75 3.95 -7.43
N THR A 176 17.87 4.68 -7.38
CA THR A 176 18.61 4.81 -6.14
C THR A 176 18.43 6.12 -5.40
N ASN A 177 18.78 6.11 -4.12
CA ASN A 177 18.71 7.26 -3.25
C ASN A 177 17.33 7.88 -3.08
N PHE A 178 16.27 7.09 -3.20
CA PHE A 178 14.94 7.66 -3.00
C PHE A 178 14.63 7.61 -1.51
N ASP A 179 14.21 8.75 -0.97
CA ASP A 179 13.90 8.86 0.44
C ASP A 179 12.39 8.76 0.68
N PRO A 180 11.93 7.65 1.26
CA PRO A 180 10.50 7.47 1.52
C PRO A 180 9.93 8.41 2.58
N ARG A 181 10.79 9.08 3.35
CA ARG A 181 10.30 10.02 4.36
C ARG A 181 9.56 11.17 3.70
N GLY A 182 9.85 11.41 2.43
CA GLY A 182 9.21 12.49 1.69
C GLY A 182 7.77 12.18 1.30
N LEU A 183 7.29 10.98 1.65
CA LEU A 183 5.93 10.57 1.30
C LEU A 183 5.00 10.52 2.51
N LEU A 184 5.53 10.87 3.68
CA LEU A 184 4.76 10.83 4.92
C LEU A 184 4.06 12.14 5.25
N PRO A 185 2.86 12.05 5.87
CA PRO A 185 2.12 13.25 6.24
C PRO A 185 2.72 13.75 7.56
N GLU A 186 2.24 14.88 8.08
CA GLU A 186 2.77 15.41 9.33
C GLU A 186 2.47 14.49 10.52
N SER A 187 1.20 14.12 10.67
CA SER A 187 0.78 13.29 11.78
C SER A 187 0.89 11.78 11.56
N LEU A 188 1.25 11.06 12.62
CA LEU A 188 1.35 9.61 12.56
C LEU A 188 0.15 8.96 13.25
N ASP A 189 -0.89 9.73 13.53
CA ASP A 189 -2.09 9.16 14.15
C ASP A 189 -2.57 8.08 13.17
N TYR A 190 -3.07 6.97 13.69
CA TYR A 190 -3.46 5.88 12.79
C TYR A 190 -4.59 5.01 13.32
N TRP A 191 -5.06 4.12 12.45
CA TRP A 191 -6.07 3.12 12.79
C TRP A 191 -5.33 1.81 12.48
N THR A 192 -5.62 0.74 13.23
CA THR A 192 -4.94 -0.52 12.97
C THR A 192 -5.88 -1.71 13.15
N TYR A 193 -5.67 -2.74 12.34
CA TYR A 193 -6.46 -3.96 12.40
C TYR A 193 -5.72 -5.08 11.67
N PRO A 194 -6.02 -6.35 12.01
CA PRO A 194 -5.37 -7.50 11.37
C PRO A 194 -6.00 -7.76 10.01
N GLY A 195 -5.20 -7.81 8.96
CA GLY A 195 -5.75 -8.01 7.63
C GLY A 195 -4.91 -8.88 6.70
N SER A 196 -5.01 -8.60 5.41
CA SER A 196 -4.30 -9.37 4.39
C SER A 196 -3.69 -8.51 3.31
N LEU A 197 -3.04 -9.17 2.36
CA LEU A 197 -2.47 -8.48 1.21
C LEU A 197 -3.75 -8.11 0.45
N THR A 198 -3.75 -7.01 -0.30
CA THR A 198 -4.97 -6.62 -1.03
C THR A 198 -4.98 -7.13 -2.48
N THR A 199 -3.97 -7.92 -2.83
CA THR A 199 -3.88 -8.51 -4.17
C THR A 199 -3.46 -9.95 -3.97
N PRO A 200 -3.79 -10.82 -4.94
CA PRO A 200 -3.41 -12.23 -4.82
C PRO A 200 -1.94 -12.28 -4.44
N PRO A 201 -1.52 -13.27 -3.63
CA PRO A 201 -2.25 -14.39 -3.00
C PRO A 201 -3.21 -14.04 -1.87
N LEU A 202 -3.36 -12.76 -1.56
CA LEU A 202 -4.29 -12.32 -0.52
C LEU A 202 -4.08 -12.96 0.86
N LEU A 203 -2.84 -13.31 1.16
CA LEU A 203 -2.49 -13.94 2.43
C LEU A 203 -2.83 -13.06 3.65
N GLU A 204 -3.45 -13.67 4.64
CA GLU A 204 -3.83 -12.97 5.86
C GLU A 204 -2.64 -12.94 6.81
N CYS A 205 -1.63 -12.13 6.44
CA CYS A 205 -0.39 -12.03 7.21
C CYS A 205 -0.03 -10.57 7.53
N VAL A 206 -0.99 -9.68 7.40
CA VAL A 206 -0.71 -8.26 7.61
C VAL A 206 -1.37 -7.53 8.79
N THR A 207 -0.55 -6.75 9.49
CA THR A 207 -1.06 -5.91 10.58
C THR A 207 -1.16 -4.56 9.87
N TRP A 208 -2.37 -4.10 9.62
CA TRP A 208 -2.52 -2.82 8.93
C TRP A 208 -2.44 -1.61 9.83
N ILE A 209 -1.73 -0.60 9.34
CA ILE A 209 -1.57 0.67 10.05
C ILE A 209 -1.90 1.72 9.00
N VAL A 210 -3.10 2.31 9.12
CA VAL A 210 -3.56 3.31 8.16
C VAL A 210 -3.51 4.69 8.80
N LEU A 211 -2.73 5.60 8.21
CA LEU A 211 -2.62 6.94 8.79
C LEU A 211 -3.91 7.74 8.57
N LYS A 212 -4.27 8.50 9.60
CA LYS A 212 -5.46 9.35 9.58
C LYS A 212 -5.32 10.52 8.60
N GLU A 213 -4.16 11.16 8.60
CA GLU A 213 -3.90 12.30 7.73
C GLU A 213 -3.42 11.94 6.33
N PRO A 214 -4.15 12.39 5.29
CA PRO A 214 -3.72 12.06 3.94
C PRO A 214 -2.62 13.04 3.54
N ILE A 215 -1.86 12.70 2.49
CA ILE A 215 -0.86 13.62 2.00
C ILE A 215 -1.53 14.21 0.77
N SER A 216 -1.10 15.38 0.33
CA SER A 216 -1.66 16.00 -0.86
C SER A 216 -0.67 15.84 -2.00
N VAL A 217 -1.19 15.54 -3.19
CA VAL A 217 -0.38 15.41 -4.39
C VAL A 217 -1.09 16.27 -5.43
N SER A 218 -0.37 16.75 -6.43
CA SER A 218 -1.00 17.60 -7.44
C SER A 218 -1.67 16.78 -8.51
N SER A 219 -2.61 17.41 -9.24
CA SER A 219 -3.31 16.73 -10.32
C SER A 219 -2.31 16.30 -11.39
N GLU A 220 -1.27 17.12 -11.57
CA GLU A 220 -0.23 16.83 -12.55
C GLU A 220 0.46 15.52 -12.19
N GLN A 221 0.65 15.30 -10.88
CA GLN A 221 1.30 14.08 -10.42
C GLN A 221 0.41 12.85 -10.62
N VAL A 222 -0.86 12.95 -10.24
CA VAL A 222 -1.78 11.82 -10.40
C VAL A 222 -1.99 11.47 -11.86
N LEU A 223 -2.00 12.48 -12.72
CA LEU A 223 -2.19 12.26 -14.14
C LEU A 223 -1.08 11.37 -14.70
N LYS A 224 0.13 11.54 -14.18
CA LYS A 224 1.26 10.73 -14.64
C LYS A 224 1.04 9.26 -14.28
N PHE A 225 0.48 9.01 -13.10
CA PHE A 225 0.19 7.64 -12.69
C PHE A 225 -0.77 7.02 -13.70
N ARG A 226 -1.79 7.79 -14.07
CA ARG A 226 -2.81 7.33 -15.00
C ARG A 226 -2.36 7.10 -16.44
N LYS A 227 -1.11 7.40 -16.75
CA LYS A 227 -0.59 7.19 -18.09
C LYS A 227 0.13 5.86 -18.22
N LEU A 228 0.33 5.18 -17.09
CA LEU A 228 0.99 3.89 -17.11
C LEU A 228 0.06 2.89 -17.80
N ASN A 229 0.58 1.72 -18.16
CA ASN A 229 -0.21 0.70 -18.83
C ASN A 229 -0.19 -0.65 -18.09
N PHE A 230 -1.33 -1.34 -18.10
CA PHE A 230 -1.43 -2.66 -17.47
C PHE A 230 -0.73 -3.65 -18.41
N ASN A 231 -0.87 -3.40 -19.70
CA ASN A 231 -0.32 -4.25 -20.76
C ASN A 231 1.19 -4.15 -20.97
N GLY A 232 1.73 -5.15 -21.67
CA GLY A 232 3.15 -5.18 -21.97
C GLY A 232 3.42 -4.41 -23.25
N GLU A 233 4.69 -4.27 -23.62
CA GLU A 233 5.06 -3.54 -24.83
C GLU A 233 4.63 -4.28 -26.09
N GLY A 234 3.76 -3.65 -26.87
CA GLY A 234 3.28 -4.25 -28.11
C GLY A 234 1.77 -4.44 -28.14
N GLU A 235 1.24 -5.14 -27.16
CA GLU A 235 -0.19 -5.40 -27.07
C GLU A 235 -1.02 -4.13 -26.93
N PRO A 236 -2.35 -4.23 -27.13
CA PRO A 236 -3.26 -3.09 -27.04
C PRO A 236 -3.10 -2.30 -25.74
N GLU A 237 -3.16 -0.97 -25.85
CA GLU A 237 -3.02 -0.11 -24.69
C GLU A 237 -4.17 -0.27 -23.71
N GLU A 238 -3.83 -0.53 -22.45
CA GLU A 238 -4.81 -0.69 -21.39
C GLU A 238 -4.30 0.16 -20.22
N LEU A 239 -4.76 1.40 -20.16
CA LEU A 239 -4.36 2.33 -19.12
C LEU A 239 -4.42 1.73 -17.73
N MET A 240 -3.34 1.92 -16.97
CA MET A 240 -3.29 1.41 -15.61
C MET A 240 -4.02 2.39 -14.69
N VAL A 241 -5.29 2.11 -14.45
CA VAL A 241 -6.11 2.93 -13.59
C VAL A 241 -7.08 2.02 -12.85
N ASP A 242 -7.56 2.49 -11.70
CA ASP A 242 -8.49 1.72 -10.87
C ASP A 242 -7.93 0.35 -10.49
N ASN A 243 -6.69 0.33 -10.03
CA ASN A 243 -6.04 -0.91 -9.61
C ASN A 243 -6.19 -1.04 -8.10
N TRP A 244 -7.44 -0.90 -7.63
CA TRP A 244 -7.75 -1.00 -6.21
C TRP A 244 -8.83 -2.05 -5.94
N ARG A 245 -8.71 -2.75 -4.82
CA ARG A 245 -9.69 -3.75 -4.42
C ARG A 245 -10.68 -3.02 -3.53
N PRO A 246 -11.98 -3.33 -3.64
CA PRO A 246 -12.99 -2.66 -2.82
C PRO A 246 -12.95 -3.16 -1.37
N ALA A 247 -13.60 -2.43 -0.47
CA ALA A 247 -13.63 -2.81 0.94
C ALA A 247 -14.25 -4.19 1.11
N GLN A 248 -13.68 -4.99 2.01
CA GLN A 248 -14.15 -6.34 2.29
C GLN A 248 -14.85 -6.38 3.66
N PRO A 249 -15.56 -7.47 3.96
CA PRO A 249 -16.26 -7.56 5.26
C PRO A 249 -15.30 -7.52 6.45
N LEU A 250 -15.63 -6.75 7.48
CA LEU A 250 -14.78 -6.67 8.67
C LEU A 250 -14.87 -7.97 9.46
N LYS A 251 -16.01 -8.66 9.34
CA LYS A 251 -16.22 -9.92 10.05
C LYS A 251 -16.13 -9.73 11.56
N ASN A 252 -15.31 -10.55 12.21
CA ASN A 252 -15.15 -10.49 13.66
C ASN A 252 -13.93 -9.69 14.11
N ARG A 253 -13.54 -8.69 13.33
CA ARG A 253 -12.37 -7.89 13.68
C ARG A 253 -12.71 -6.55 14.31
N GLN A 254 -11.72 -5.97 14.97
CA GLN A 254 -11.86 -4.67 15.60
C GLN A 254 -10.85 -3.74 14.97
N ILE A 255 -11.22 -2.49 14.78
CA ILE A 255 -10.29 -1.50 14.25
C ILE A 255 -10.01 -0.56 15.43
N LYS A 256 -8.74 -0.43 15.80
CA LYS A 256 -8.38 0.43 16.92
C LYS A 256 -7.75 1.73 16.45
N ALA A 257 -8.02 2.81 17.19
CA ALA A 257 -7.47 4.12 16.86
C ALA A 257 -6.39 4.51 17.86
N SER A 258 -5.31 5.10 17.38
CA SER A 258 -4.20 5.52 18.23
C SER A 258 -4.41 6.90 18.81
N PHE A 259 -5.48 7.58 18.38
CA PHE A 259 -5.73 8.94 18.83
C PHE A 259 -7.10 9.23 19.44
N LYS A 260 -7.11 10.29 20.26
CA LYS A 260 -8.27 10.82 20.97
C LYS A 260 -8.55 10.19 22.32
ZN ZN B . -1.09 -2.27 -1.96
N1 0CR C . -1.46 -4.56 -1.74
N2 0CR C . 4.83 -13.19 -3.92
N3 0CR C . 3.88 -12.31 -4.24
C01 0CR C . 6.89 -19.01 1.07
C02 0CR C . 7.09 -17.91 0.08
C03 0CR C . 5.95 -17.08 -0.15
C04 0CR C . 5.93 -15.99 -1.06
C05 0CR C . 7.13 -15.70 -1.79
C06 0CR C . 8.27 -16.53 -1.55
C07 0CR C . 8.29 -17.62 -0.64
C08 0CR C . 9.62 -18.37 -0.57
C09 0CR C . 9.99 -19.54 -1.44
C10 0CR C . 10.80 -19.24 -2.58
C11 0CR C . 11.26 -20.22 -3.51
C12 0CR C . 10.84 -21.59 -3.28
C13 0CR C . 10.02 -21.87 -2.14
C14 0CR C . 9.57 -20.89 -1.20
C15 0CR C . 8.70 -21.46 -0.06
C16 0CR C . 7.16 -21.37 -0.04
C17 0CR C . 6.50 -22.51 -0.60
C18 0CR C . 5.07 -22.62 -0.68
C19 0CR C . 4.25 -21.55 -0.17
C20 0CR C . 4.93 -20.43 0.37
C21 0CR C . 6.35 -20.30 0.45
C22 0CR C . 5.36 -19.99 -8.85
C23 0CR C . 4.84 -20.97 -7.79
C24 0CR C . 5.84 -21.86 -7.33
C25 0CR C . 5.63 -22.85 -6.35
C26 0CR C . 4.31 -22.95 -5.77
C27 0CR C . 3.30 -22.05 -6.24
C28 0CR C . 3.52 -21.04 -7.24
C29 0CR C . 2.32 -20.14 -7.63
C30 0CR C . 2.33 -18.98 -6.60
C31 0CR C . 1.56 -19.26 -5.44
C32 0CR C . 1.41 -18.36 -4.35
C33 0CR C . 2.09 -17.10 -4.45
C34 0CR C . 2.87 -16.81 -5.61
C35 0CR C . 3.02 -17.71 -6.71
C36 0CR C . 3.89 -17.21 -7.89
C37 0CR C . 5.39 -17.51 -7.79
C38 0CR C . 6.21 -16.48 -7.23
C39 0CR C . 7.63 -16.59 -7.08
C40 0CR C . 8.24 -17.81 -7.50
C41 0CR C . 7.43 -18.84 -8.05
C42 0CR C . 6.01 -18.74 -8.22
C46 0CR C . 2.42 -16.50 -2.10
C47 0CR C . 3.50 -16.13 -1.19
C51 0CR C . 0.44 -19.84 -2.40
C52 0CR C . 10.14 -18.72 -6.25
C56 0CR C . 7.86 -23.21 -5.20
C57 0CR C . 3.91 -24.07 -2.42
C58 0CR C . 6.81 -13.20 -2.32
C59 0CR C . 8.90 -15.57 -5.05
C60 0CR C . 11.64 -19.00 -5.79
O01 0CR C . 4.62 -15.20 -1.20
O02 0CR C . 7.08 -14.53 -2.77
O03 0CR C . 0.63 -18.59 -3.15
O04 0CR C . 12.12 -19.86 -4.70
O05 0CR C . 11.16 -22.81 -4.11
O06 0CR C . 8.51 -15.53 -6.51
O07 0CR C . 4.70 -23.92 -1.31
O08 0CR C . 2.74 -21.40 -0.11
O09 0CR C . 6.64 -23.75 -5.87
O10 0CR C . 4.10 -24.00 -4.72
O11 0CR C . 1.93 -16.18 -3.31
O12 0CR C . 9.60 -17.89 -7.32
C61 0CR C . 0.67 -6.00 -1.01
C62 0CR C . 0.23 -7.09 -1.82
C64 0CR C . 1.21 -7.99 -2.36
C65 0CR C . 2.60 -7.82 -2.09
C66 0CR C . 3.03 -6.73 -1.28
C67 0CR C . 2.06 -5.84 -0.76
C68 0CR C . 3.64 -8.77 -2.66
C69 0CR C . 3.26 -9.99 -3.57
O13 0CR C . -1.45 -5.71 0.54
O14 0CR C . 0.04 -3.82 0.43
S1 0CR C . -0.58 -4.94 -0.40
C70 0CR C . 4.62 -23.52 -3.44
C71 0CR C . 5.67 -12.63 -2.96
C72 0CR C . 5.17 -11.37 -2.73
N4 0CR C . 4.11 -11.18 -3.49
CT5 0CR C . 11.90 -22.81 -5.21
CN5 0CR C . 11.53 -23.01 -6.42
CN6 0CR C . 12.00 -22.28 -7.52
NN7 0CR C . 10.64 -23.95 -6.93
NN8 0CR C . 10.52 -23.84 -8.25
NN9 0CR C . 11.37 -22.79 -8.61
CI5 0CR C . 11.53 -22.34 -9.97
CI6 0CR C . 10.24 -21.77 -10.74
CO5 0CR C . 9.60 -22.68 -11.75
O51 0CR C . 9.04 -23.89 -11.84
O52 0CR C . 9.51 -22.22 -12.99
CO3 0CR C . -0.36 -28.81 1.05
O31 0CR C . 0.13 -29.07 2.19
O32 0CR C . -1.30 -29.58 0.57
CI3 0CR C . -0.38 -26.53 0.71
CI4 0CR C . 0.17 -27.62 0.23
NN4 0CR C . 2.29 -24.46 1.60
NN5 0CR C . 1.59 -25.53 1.73
NN6 0CR C . 0.57 -25.57 0.88
CT3 0CR C . 1.87 -22.52 -0.07
CN3 0CR C . 1.75 -23.66 0.61
CN4 0CR C . 0.65 -24.39 0.15
C01 1CR D . 9.09 -16.86 -6.95
C02 1CR D . 7.88 -17.64 -7.43
C03 1CR D . 6.68 -16.87 -7.61
C04 1CR D . 5.43 -17.45 -8.07
C05 1CR D . 5.43 -18.85 -8.35
C06 1CR D . 6.62 -19.61 -8.16
C07 1CR D . 7.84 -19.04 -7.72
C08 1CR D . 9.00 -20.03 -7.60
C09 1CR D . 9.22 -20.76 -6.30
C10 1CR D . 8.50 -21.98 -6.06
C11 1CR D . 8.63 -22.77 -4.89
C12 1CR D . 9.54 -22.28 -3.88
C13 1CR D . 10.26 -21.07 -4.11
C14 1CR D . 10.12 -20.28 -5.29
C15 1CR D . 10.97 -19.00 -5.36
C16 1CR D . 10.22 -17.77 -4.77
C17 1CR D . 10.40 -17.59 -3.37
C18 1CR D . 9.82 -16.53 -2.62
C19 1CR D . 9.01 -15.59 -3.31
C20 1CR D . 8.81 -15.76 -4.72
C21 1CR D . 9.40 -16.83 -5.48
C22 1CR D . 3.24 -19.22 0.20
C23 1CR D . 3.05 -18.26 -0.96
C24 1CR D . 3.95 -17.17 -0.97
C25 1CR D . 3.95 -16.16 -1.97
C26 1CR D . 2.97 -16.25 -3.02
C27 1CR D . 2.06 -17.35 -2.99
C28 1CR D . 2.06 -18.39 -2.00
C29 1CR D . 1.00 -19.51 -2.13
C30 1CR D . 1.69 -20.60 -2.98
C31 1CR D . 1.60 -20.41 -4.41
C32 1CR D . 2.14 -21.28 -5.38
C33 1CR D . 2.84 -22.44 -4.91
C34 1CR D . 2.95 -22.66 -3.51
C35 1CR D . 2.38 -21.78 -2.52
C36 1CR D . 2.58 -22.17 -1.04
C37 1CR D . 3.93 -21.70 -0.46
C38 1CR D . 4.99 -22.65 -0.45
C39 1CR D . 6.29 -22.38 0.07
C40 1CR D . 6.55 -21.08 0.61
C41 1CR D . 5.49 -20.12 0.59
C42 1CR D . 4.19 -20.39 0.08
C46 1CR D . 6.78 -24.04 -3.90
C47 1CR D . 8.70 -23.32 -0.41
C51 1CR D . 8.94 -22.53 -1.63
C52 1CR D . 7.18 -14.88 -1.96
C56 1CR D . 2.57 -20.01 -7.27
C57 1CR D . 4.45 -15.22 -7.91
C58 1CR D . 3.54 -20.44 -8.30
C59 1CR D . 11.20 -15.70 -0.75
C60 1CR D . 6.04 -15.36 -2.66
O01 1CR D . 4.16 -16.74 -8.29
O02 1CR D . 4.07 -19.25 -8.80
O03 1CR D . 2.10 -21.17 -6.81
O04 1CR D . 7.91 -24.02 -4.64
O05 1CR D . 9.72 -23.03 -2.65
O06 1CR D . 7.34 -23.43 0.05
O07 1CR D . 10.14 -16.54 -1.24
O08 1CR D . 8.32 -14.43 -2.72
O09 1CR D . 4.86 -15.08 -1.97
O10 1CR D . 2.96 -15.20 -4.07
O11 1CR D . 3.38 -23.28 -5.98
O12 1CR D . 7.83 -20.84 1.11
C61 1CR D . 0.67 -6.00 -1.01
C62 1CR D . 0.23 -7.09 -1.82
C64 1CR D . 1.21 -7.99 -2.36
C65 1CR D . 2.60 -7.82 -2.09
C66 1CR D . 3.03 -6.73 -1.28
C67 1CR D . 2.06 -5.84 -0.76
C68 1CR D . 3.64 -8.77 -2.66
C69 1CR D . 3.57 -10.04 -1.95
N1 1CR D . -1.46 -4.56 -1.74
O13 1CR D . -1.45 -5.71 0.54
O14 1CR D . 0.04 -3.82 0.43
S1 1CR D . -0.58 -4.94 -0.40
C70 1CR D . 3.17 -14.06 -4.53
C71 1CR D . 3.74 -12.88 -4.03
C72 1CR D . 3.13 -12.06 -3.11
N2 1CR D . 4.98 -12.31 -4.31
N3 1CR D . 5.08 -11.17 -3.58
N4 1CR D . 3.92 -11.07 -2.86
CT5 1CR D . 4.55 -23.98 -6.59
CN5 1CR D . 4.59 -24.35 -8.06
CN6 1CR D . 4.24 -25.60 -8.60
NN7 1CR D . 4.95 -23.56 -9.11
NN8 1CR D . 4.86 -24.25 -10.30
NN9 1CR D . 4.41 -25.54 -9.92
CI5 1CR D . 4.15 -26.69 -10.82
CI6 1CR D . 5.12 -27.21 -12.01
CO5 1CR D . 5.29 -26.36 -13.31
O51 1CR D . 4.76 -25.29 -13.56
O52 1CR D . 6.05 -26.73 -14.28
CO3 1CR D . 15.52 -19.96 -2.98
O31 1CR D . 16.49 -19.76 -2.22
O32 1CR D . 15.62 -19.73 -4.29
CI3 1CR D . 13.28 -19.56 -1.75
CI4 1CR D . 14.21 -20.47 -2.35
NN4 1CR D . 11.54 -19.90 1.72
NN5 1CR D . 12.73 -19.83 1.11
NN6 1CR D . 12.57 -19.72 -0.22
CT3 1CR D . 8.92 -19.86 0.87
CN3 1CR D . 10.53 -19.83 0.79
CN4 1CR D . 11.18 -19.71 -0.43
XE XE E . 6.25 -19.36 -3.72
XE XE F . -1.68 9.05 -7.60
#